data_7NW3
#
_entry.id   7NW3
#
_cell.length_a   76.607
_cell.length_b   76.607
_cell.length_c   270.060
_cell.angle_alpha   90.000
_cell.angle_beta   90.000
_cell.angle_gamma   90.000
#
_symmetry.space_group_name_H-M   'P 41 21 2'
#
loop_
_entity.id
_entity.type
_entity.pdbx_description
1 polymer 'Antibody RoAb13 Heavy Chain'
2 polymer 'Antibody RoAb13 Light Chain'
3 polymer 'Region from C-C chemokine receptor type 5 N-terminal domain'
4 water water
#
loop_
_entity_poly.entity_id
_entity_poly.type
_entity_poly.pdbx_seq_one_letter_code
_entity_poly.pdbx_strand_id
1 'polypeptide(L)'
;EVQLQESGGGLVKPGGSLKLSCAASGFTFSTYAMSWVRQTPEKRLEWVASISTGDNTYYTDSVRGRFTISRDNARNILYL
QMSSLRSEDTAMYFCTRGRGDRGDLFGYWGQGTLVTVSSAKTTAPSVYPLAPVCGDTTGSSVTLGCLVKGYFPEPVTLTW
NSGSLSSGVHTFPAVLQSDLYTLSSSVTVTSSTWPSQSITCNVAHPASSTKVDKKIEPRGPTIK
;
H
2 'polypeptide(L)'
;DIVMSQSPSSLAVSVGEKVTMSCKSSQSLLYRGNQMNYLAWYQQKPGQSPKLLIYWASTRESGVPDRFTGSGSGTEFTLT
ISSVKAEDLTVYYCQQYYTYPRTFGGGTKLEIKRADAAPTVSIFPPSSEQLTSGGASVVCFLNNFYPKDINVKWKIDGSE
RQNGVLNSWTDQDSKDSTYSMSSTLTLTKDEYERHNSYTCEATHKTSTSPIVKSFNRGEC
;
L
3 'polypeptide(L)' PIYDIN A
#
# COMPACT_ATOMS: atom_id res chain seq x y z
N GLU A 1 17.53 -12.43 -6.97
CA GLU A 1 17.86 -13.64 -7.72
C GLU A 1 16.78 -14.70 -7.53
N VAL A 2 15.93 -14.50 -6.53
CA VAL A 2 14.71 -15.27 -6.36
C VAL A 2 13.55 -14.33 -6.63
N GLN A 3 12.85 -14.56 -7.73
CA GLN A 3 11.78 -13.67 -8.17
C GLN A 3 10.47 -14.44 -8.28
N LEU A 4 9.42 -13.86 -7.70
CA LEU A 4 8.07 -14.42 -7.75
C LEU A 4 7.16 -13.35 -8.32
N GLN A 5 6.47 -13.66 -9.43
CA GLN A 5 5.65 -12.69 -10.13
C GLN A 5 4.23 -13.22 -10.25
N GLU A 6 3.29 -12.53 -9.61
CA GLU A 6 1.88 -12.90 -9.69
C GLU A 6 1.27 -12.40 -11.00
N SER A 7 0.15 -13.02 -11.38
CA SER A 7 -0.50 -12.68 -12.64
C SER A 7 -1.99 -12.93 -12.51
N GLY A 8 -2.76 -12.20 -13.32
CA GLY A 8 -4.15 -12.53 -13.53
C GLY A 8 -5.13 -12.12 -12.46
N GLY A 9 -4.75 -11.22 -11.56
CA GLY A 9 -5.71 -10.72 -10.59
C GLY A 9 -6.75 -9.81 -11.21
N GLY A 10 -7.37 -8.97 -10.39
CA GLY A 10 -8.31 -7.99 -10.92
C GLY A 10 -9.65 -7.98 -10.22
N LEU A 11 -10.73 -8.04 -11.00
CA LEU A 11 -12.09 -7.98 -10.47
C LEU A 11 -12.90 -9.20 -10.90
N VAL A 12 -13.71 -9.70 -9.96
CA VAL A 12 -14.78 -10.66 -10.25
C VAL A 12 -16.03 -10.21 -9.50
N LYS A 13 -17.19 -10.54 -10.07
CA LYS A 13 -18.41 -10.39 -9.32
C LYS A 13 -18.52 -11.53 -8.30
N PRO A 14 -19.34 -11.37 -7.27
CA PRO A 14 -19.46 -12.43 -6.25
C PRO A 14 -19.82 -13.77 -6.87
N GLY A 15 -19.44 -14.84 -6.19
CA GLY A 15 -19.61 -16.18 -6.71
C GLY A 15 -18.83 -16.50 -7.96
N GLY A 16 -17.97 -15.60 -8.43
CA GLY A 16 -17.20 -15.82 -9.63
C GLY A 16 -16.00 -16.72 -9.39
N SER A 17 -15.05 -16.63 -10.32
CA SER A 17 -13.90 -17.53 -10.31
C SER A 17 -12.69 -16.85 -10.94
N LEU A 18 -11.54 -17.03 -10.30
CA LEU A 18 -10.28 -16.45 -10.74
C LEU A 18 -9.17 -17.47 -10.52
N LYS A 19 -8.28 -17.60 -11.50
CA LYS A 19 -7.11 -18.46 -11.39
C LYS A 19 -5.85 -17.58 -11.41
N LEU A 20 -5.23 -17.40 -10.25
CA LEU A 20 -4.01 -16.62 -10.13
C LEU A 20 -2.80 -17.46 -10.57
N SER A 21 -1.74 -16.76 -10.96
CA SER A 21 -0.55 -17.43 -11.50
C SER A 21 0.69 -16.74 -10.97
N CYS A 22 1.52 -17.50 -10.25
CA CYS A 22 2.78 -17.00 -9.72
C CYS A 22 3.92 -17.66 -10.49
N ALA A 23 4.73 -16.87 -11.17
CA ALA A 23 5.78 -17.36 -12.05
C ALA A 23 7.14 -17.14 -11.40
N ALA A 24 7.84 -18.24 -11.13
CA ALA A 24 9.08 -18.22 -10.36
C ALA A 24 10.28 -18.48 -11.27
N SER A 25 11.35 -17.72 -11.03
CA SER A 25 12.62 -17.95 -11.68
C SER A 25 13.74 -17.83 -10.65
N GLY A 26 14.83 -18.54 -10.91
CA GLY A 26 16.04 -18.34 -10.14
C GLY A 26 16.28 -19.27 -8.97
N PHE A 27 15.78 -20.51 -9.04
CA PHE A 27 16.09 -21.53 -8.04
C PHE A 27 15.56 -22.87 -8.52
N THR A 28 16.01 -23.93 -7.86
CA THR A 28 15.51 -25.28 -8.09
C THR A 28 14.06 -25.32 -7.63
N PHE A 29 13.12 -25.28 -8.58
CA PHE A 29 11.73 -25.02 -8.25
C PHE A 29 11.11 -26.14 -7.42
N SER A 30 11.35 -27.40 -7.81
CA SER A 30 10.72 -28.52 -7.13
C SER A 30 11.25 -28.75 -5.72
N THR A 31 12.36 -28.12 -5.35
CA THR A 31 12.99 -28.44 -4.07
C THR A 31 12.29 -27.76 -2.89
N TYR A 32 11.59 -26.65 -3.12
CA TYR A 32 10.92 -25.93 -2.06
C TYR A 32 9.41 -26.11 -2.15
N ALA A 33 8.74 -25.95 -1.00
CA ALA A 33 7.30 -26.06 -0.88
C ALA A 33 6.70 -24.68 -0.66
N MET A 34 5.73 -24.31 -1.50
CA MET A 34 5.25 -22.93 -1.63
C MET A 34 3.87 -22.76 -0.99
N SER A 35 3.35 -21.53 -1.09
CA SER A 35 2.14 -21.14 -0.37
C SER A 35 1.57 -19.85 -0.98
N TRP A 36 0.50 -19.35 -0.37
CA TRP A 36 -0.15 -18.09 -0.76
C TRP A 36 -0.60 -17.36 0.51
N VAL A 37 -0.47 -16.04 0.50
CA VAL A 37 -0.90 -15.20 1.62
C VAL A 37 -1.63 -13.99 1.06
N ARG A 38 -2.76 -13.65 1.68
CA ARG A 38 -3.51 -12.46 1.29
C ARG A 38 -3.51 -11.44 2.43
N GLN A 39 -3.76 -10.18 2.06
CA GLN A 39 -3.76 -9.06 2.99
C GLN A 39 -5.07 -8.30 2.84
N THR A 40 -5.89 -8.30 3.90
CA THR A 40 -7.20 -7.68 3.88
C THR A 40 -7.10 -6.19 3.59
N PRO A 41 -8.22 -5.56 3.18
CA PRO A 41 -8.20 -4.10 3.04
C PRO A 41 -7.82 -3.39 4.31
N GLU A 42 -8.22 -3.94 5.46
CA GLU A 42 -7.81 -3.42 6.77
C GLU A 42 -6.36 -3.73 7.10
N LYS A 43 -5.61 -4.13 6.07
CA LYS A 43 -4.17 -4.37 6.14
C LYS A 43 -3.82 -5.57 7.01
N ARG A 44 -4.76 -6.47 7.25
CA ARG A 44 -4.52 -7.66 8.05
C ARG A 44 -4.09 -8.80 7.13
N LEU A 45 -3.02 -9.50 7.51
CA LEU A 45 -2.48 -10.59 6.70
C LEU A 45 -3.10 -11.92 7.10
N GLU A 46 -3.52 -12.68 6.10
CA GLU A 46 -4.16 -13.98 6.30
C GLU A 46 -3.43 -15.02 5.47
N TRP A 47 -3.09 -16.14 6.08
CA TRP A 47 -2.61 -17.28 5.31
C TRP A 47 -3.76 -17.89 4.52
N VAL A 48 -3.45 -18.46 3.36
CA VAL A 48 -4.48 -19.05 2.51
C VAL A 48 -4.22 -20.53 2.29
N ALA A 49 -3.27 -20.86 1.42
CA ALA A 49 -3.01 -22.25 1.05
C ALA A 49 -1.51 -22.51 1.01
N SER A 50 -1.16 -23.79 1.10
CA SER A 50 0.23 -24.24 1.00
C SER A 50 0.26 -25.58 0.31
N ILE A 51 1.34 -25.82 -0.43
CA ILE A 51 1.48 -27.04 -1.23
C ILE A 51 2.88 -27.60 -1.00
N SER A 52 2.95 -28.82 -0.48
CA SER A 52 4.22 -29.38 -0.01
C SER A 52 5.14 -29.69 -1.20
N THR A 53 6.36 -30.11 -0.87
CA THR A 53 7.29 -30.57 -1.89
C THR A 53 6.69 -31.73 -2.68
N GLY A 54 5.73 -32.43 -2.09
CA GLY A 54 5.04 -33.53 -2.73
C GLY A 54 3.52 -33.37 -2.79
N ASP A 55 3.07 -32.17 -3.14
CA ASP A 55 1.70 -31.85 -3.52
C ASP A 55 0.67 -32.05 -2.41
N ASN A 56 1.09 -32.30 -1.18
CA ASN A 56 0.15 -32.24 -0.07
C ASN A 56 -0.34 -30.82 0.11
N THR A 57 -1.63 -30.60 -0.12
CA THR A 57 -2.21 -29.26 -0.06
C THR A 57 -2.75 -28.97 1.33
N TYR A 58 -2.73 -27.69 1.70
CA TYR A 58 -3.15 -27.27 3.02
C TYR A 58 -3.86 -25.93 2.87
N TYR A 59 -5.12 -25.84 3.30
CA TYR A 59 -5.91 -24.62 3.15
C TYR A 59 -6.41 -24.13 4.49
N THR A 60 -6.57 -22.80 4.59
CA THR A 60 -7.29 -22.23 5.72
C THR A 60 -8.79 -22.48 5.55
N ASP A 61 -9.49 -22.61 6.68
CA ASP A 61 -10.85 -23.13 6.66
C ASP A 61 -11.79 -22.25 5.84
N SER A 62 -11.60 -20.92 5.91
CA SER A 62 -12.53 -20.01 5.26
CA SER A 62 -12.52 -19.99 5.26
C SER A 62 -12.58 -20.18 3.75
N VAL A 63 -11.60 -20.87 3.16
CA VAL A 63 -11.52 -21.05 1.72
C VAL A 63 -11.60 -22.51 1.31
N ARG A 64 -11.78 -23.43 2.25
CA ARG A 64 -11.84 -24.85 1.90
C ARG A 64 -12.99 -25.13 0.95
N GLY A 65 -12.71 -25.92 -0.07
CA GLY A 65 -13.68 -26.22 -1.12
C GLY A 65 -13.67 -25.25 -2.28
N ARG A 66 -13.68 -23.95 -1.97
CA ARG A 66 -13.65 -22.95 -3.02
C ARG A 66 -12.28 -22.90 -3.70
N PHE A 67 -11.21 -22.76 -2.93
CA PHE A 67 -9.88 -22.50 -3.46
C PHE A 67 -9.10 -23.81 -3.58
N THR A 68 -8.38 -23.97 -4.69
CA THR A 68 -7.54 -25.13 -4.93
C THR A 68 -6.15 -24.65 -5.33
N ILE A 69 -5.13 -25.11 -4.61
CA ILE A 69 -3.74 -24.70 -4.82
C ILE A 69 -3.03 -25.79 -5.60
N SER A 70 -2.24 -25.39 -6.60
CA SER A 70 -1.68 -26.33 -7.56
C SER A 70 -0.36 -25.80 -8.10
N ARG A 71 0.66 -26.67 -8.12
CA ARG A 71 1.97 -26.32 -8.63
C ARG A 71 2.30 -27.17 -9.85
N ASP A 72 2.95 -26.55 -10.83
CA ASP A 72 3.48 -27.25 -12.00
C ASP A 72 4.99 -27.05 -12.00
N ASN A 73 5.72 -28.07 -11.54
CA ASN A 73 7.17 -27.93 -11.44
C ASN A 73 7.82 -27.76 -12.80
N ALA A 74 7.15 -28.23 -13.86
CA ALA A 74 7.74 -28.19 -15.20
C ALA A 74 8.06 -26.76 -15.62
N ARG A 75 7.08 -25.87 -15.52
CA ARG A 75 7.24 -24.50 -15.99
C ARG A 75 7.53 -23.51 -14.85
N ASN A 76 7.77 -24.00 -13.64
CA ASN A 76 8.02 -23.17 -12.47
C ASN A 76 6.90 -22.15 -12.29
N ILE A 77 5.68 -22.66 -12.14
CA ILE A 77 4.50 -21.84 -11.91
C ILE A 77 3.69 -22.43 -10.77
N LEU A 78 3.06 -21.54 -10.00
CA LEU A 78 2.13 -21.92 -8.94
C LEU A 78 0.80 -21.22 -9.18
N TYR A 79 -0.29 -21.94 -8.92
CA TYR A 79 -1.62 -21.42 -9.16
C TYR A 79 -2.44 -21.43 -7.88
N LEU A 80 -3.28 -20.42 -7.72
CA LEU A 80 -4.39 -20.42 -6.77
C LEU A 80 -5.66 -20.22 -7.57
N GLN A 81 -6.45 -21.27 -7.74
CA GLN A 81 -7.75 -21.13 -8.38
C GLN A 81 -8.79 -20.79 -7.30
N MET A 82 -9.48 -19.69 -7.50
CA MET A 82 -10.42 -19.14 -6.52
C MET A 82 -11.81 -19.14 -7.15
N SER A 83 -12.65 -20.09 -6.74
CA SER A 83 -14.03 -20.15 -7.19
C SER A 83 -14.96 -19.66 -6.08
N SER A 84 -16.12 -19.15 -6.49
CA SER A 84 -17.17 -18.72 -5.56
C SER A 84 -16.64 -17.70 -4.55
N LEU A 85 -16.20 -16.55 -5.08
CA LEU A 85 -15.57 -15.52 -4.27
C LEU A 85 -16.60 -14.82 -3.40
N ARG A 86 -16.31 -14.73 -2.10
CA ARG A 86 -17.13 -13.96 -1.18
C ARG A 86 -16.57 -12.54 -1.07
N SER A 87 -17.41 -11.64 -0.55
CA SER A 87 -17.01 -10.25 -0.40
C SER A 87 -15.81 -10.10 0.53
N GLU A 88 -15.61 -11.05 1.44
CA GLU A 88 -14.45 -11.03 2.32
C GLU A 88 -13.15 -11.12 1.52
N ASP A 89 -13.10 -12.02 0.54
CA ASP A 89 -11.89 -12.37 -0.19
C ASP A 89 -11.28 -11.21 -0.96
N THR A 90 -11.92 -10.04 -1.00
CA THR A 90 -11.29 -8.84 -1.56
C THR A 90 -9.99 -8.54 -0.82
N ALA A 91 -8.85 -8.80 -1.45
CA ALA A 91 -7.56 -8.58 -0.79
C ALA A 91 -6.44 -8.63 -1.84
N MET A 92 -5.23 -8.37 -1.37
CA MET A 92 -4.01 -8.50 -2.15
C MET A 92 -3.42 -9.89 -1.94
N TYR A 93 -2.99 -10.53 -3.03
CA TYR A 93 -2.60 -11.94 -3.01
C TYR A 93 -1.11 -12.09 -3.33
N PHE A 94 -0.34 -12.58 -2.37
CA PHE A 94 1.07 -12.92 -2.55
C PHE A 94 1.25 -14.43 -2.64
N CYS A 95 2.10 -14.87 -3.57
CA CYS A 95 2.63 -16.21 -3.43
C CYS A 95 3.90 -16.15 -2.61
N THR A 96 4.24 -17.26 -1.97
CA THR A 96 5.48 -17.35 -1.22
C THR A 96 6.17 -18.65 -1.60
N ARG A 97 7.49 -18.62 -1.56
CA ARG A 97 8.31 -19.82 -1.67
C ARG A 97 8.80 -20.22 -0.29
N GLY A 98 9.04 -21.51 -0.12
CA GLY A 98 9.56 -22.00 1.15
C GLY A 98 10.87 -21.32 1.50
N ARG A 99 11.11 -21.21 2.82
CA ARG A 99 12.38 -20.66 3.29
C ARG A 99 13.57 -21.49 2.81
N GLY A 100 13.57 -22.77 3.15
CA GLY A 100 14.58 -23.68 2.65
C GLY A 100 13.93 -24.97 2.18
N ASP A 101 14.75 -25.98 1.88
CA ASP A 101 14.20 -27.30 1.52
C ASP A 101 13.47 -27.89 2.72
N ARG A 102 12.37 -27.24 3.12
CA ARG A 102 11.70 -27.52 4.38
C ARG A 102 10.22 -27.18 4.30
N GLY A 103 9.61 -26.87 5.44
CA GLY A 103 8.21 -26.51 5.50
C GLY A 103 7.90 -25.24 4.71
N ASP A 104 6.70 -24.71 4.98
CA ASP A 104 6.06 -23.67 4.17
C ASP A 104 6.39 -22.26 4.63
N LEU A 105 7.53 -22.06 5.31
CA LEU A 105 7.85 -20.73 5.80
C LEU A 105 7.93 -19.73 4.66
N PHE A 106 7.39 -18.54 4.89
CA PHE A 106 7.27 -17.51 3.85
C PHE A 106 8.61 -16.81 3.69
N GLY A 107 9.57 -17.53 3.11
CA GLY A 107 10.89 -17.01 2.88
C GLY A 107 10.89 -15.85 1.91
N TYR A 108 10.42 -16.09 0.69
CA TYR A 108 10.42 -15.09 -0.36
C TYR A 108 9.00 -14.81 -0.79
N TRP A 109 8.79 -13.61 -1.31
CA TRP A 109 7.45 -13.09 -1.56
C TRP A 109 7.36 -12.47 -2.94
N GLY A 110 6.26 -12.74 -3.63
CA GLY A 110 5.92 -12.00 -4.83
C GLY A 110 5.55 -10.57 -4.49
N GLN A 111 5.30 -9.78 -5.54
CA GLN A 111 4.93 -8.38 -5.34
C GLN A 111 3.47 -8.21 -4.94
N GLY A 112 2.62 -9.19 -5.26
CA GLY A 112 1.22 -9.16 -4.90
C GLY A 112 0.28 -8.75 -6.02
N THR A 113 -0.75 -9.57 -6.27
CA THR A 113 -1.80 -9.25 -7.22
C THR A 113 -3.11 -9.05 -6.47
N LEU A 114 -3.89 -8.05 -6.89
CA LEU A 114 -5.06 -7.63 -6.13
C LEU A 114 -6.32 -8.25 -6.73
N VAL A 115 -7.19 -8.77 -5.88
CA VAL A 115 -8.47 -9.34 -6.29
C VAL A 115 -9.57 -8.55 -5.61
N THR A 116 -10.35 -7.80 -6.40
CA THR A 116 -11.47 -7.02 -5.91
C THR A 116 -12.78 -7.71 -6.33
N VAL A 117 -13.68 -7.92 -5.38
CA VAL A 117 -14.97 -8.55 -5.66
C VAL A 117 -16.09 -7.64 -5.15
N SER A 118 -16.49 -6.70 -5.99
CA SER A 118 -17.82 -6.12 -5.96
C SER A 118 -18.60 -6.73 -7.12
N SER A 119 -19.86 -6.31 -7.27
CA SER A 119 -20.57 -6.56 -8.51
C SER A 119 -20.36 -5.46 -9.54
N ALA A 120 -19.69 -4.37 -9.16
CA ALA A 120 -19.65 -3.16 -9.97
C ALA A 120 -18.93 -3.40 -11.31
N LYS A 121 -19.07 -2.42 -12.19
CA LYS A 121 -18.67 -2.54 -13.58
C LYS A 121 -17.28 -1.95 -13.80
N THR A 122 -16.51 -2.61 -14.67
CA THR A 122 -15.20 -2.10 -15.05
C THR A 122 -15.35 -0.77 -15.79
N THR A 123 -14.74 0.28 -15.27
CA THR A 123 -14.76 1.60 -15.90
C THR A 123 -13.35 2.13 -16.04
N ALA A 124 -13.02 2.57 -17.25
CA ALA A 124 -11.74 3.20 -17.49
C ALA A 124 -11.67 4.54 -16.75
N PRO A 125 -10.47 5.07 -16.56
CA PRO A 125 -10.33 6.35 -15.85
C PRO A 125 -10.31 7.55 -16.78
N SER A 126 -10.64 8.69 -16.20
CA SER A 126 -10.35 10.00 -16.77
C SER A 126 -9.08 10.53 -16.15
N VAL A 127 -8.37 11.36 -16.91
CA VAL A 127 -7.17 12.03 -16.44
C VAL A 127 -7.36 13.53 -16.65
N TYR A 128 -7.19 14.30 -15.57
CA TYR A 128 -7.33 15.74 -15.62
C TYR A 128 -6.03 16.38 -15.11
N PRO A 129 -5.33 17.13 -15.94
CA PRO A 129 -4.00 17.62 -15.56
C PRO A 129 -4.07 18.87 -14.71
N LEU A 130 -3.44 18.86 -13.55
CA LEU A 130 -3.37 20.06 -12.72
C LEU A 130 -2.22 20.92 -13.20
N ALA A 131 -2.52 21.90 -14.03
CA ALA A 131 -1.57 22.98 -14.30
C ALA A 131 -1.87 24.15 -13.38
N PRO A 132 -0.84 24.85 -12.87
CA PRO A 132 -1.11 26.04 -12.06
C PRO A 132 -1.88 27.07 -12.88
N GLY A 139 9.46 33.89 -7.19
CA GLY A 139 9.75 32.83 -8.14
C GLY A 139 10.84 31.89 -7.66
N SER A 140 10.44 30.74 -7.10
CA SER A 140 11.38 29.77 -6.58
C SER A 140 11.20 28.39 -7.21
N SER A 141 10.05 27.75 -7.02
CA SER A 141 9.82 26.41 -7.53
C SER A 141 8.33 26.18 -7.73
N VAL A 142 7.94 25.72 -8.91
CA VAL A 142 6.56 25.48 -9.25
C VAL A 142 6.23 24.00 -9.03
N THR A 143 4.94 23.72 -8.92
CA THR A 143 4.43 22.36 -8.74
C THR A 143 3.25 22.16 -9.67
N LEU A 144 3.06 20.92 -10.11
CA LEU A 144 1.93 20.55 -10.95
C LEU A 144 1.45 19.17 -10.54
N GLY A 145 0.21 18.85 -10.91
CA GLY A 145 -0.41 17.63 -10.46
C GLY A 145 -1.17 16.92 -11.56
N CYS A 146 -1.64 15.72 -11.23
CA CYS A 146 -2.43 14.89 -12.14
C CYS A 146 -3.55 14.24 -11.36
N LEU A 147 -4.76 14.29 -11.90
CA LEU A 147 -5.95 13.83 -11.20
C LEU A 147 -6.60 12.71 -12.00
N VAL A 148 -7.06 11.68 -11.30
CA VAL A 148 -7.71 10.52 -11.92
C VAL A 148 -9.08 10.38 -11.27
N LYS A 149 -10.07 11.08 -11.81
CA LYS A 149 -11.42 11.03 -11.28
C LYS A 149 -12.18 9.90 -11.96
N GLY A 150 -12.59 8.90 -11.17
CA GLY A 150 -13.51 7.89 -11.66
C GLY A 150 -12.88 6.73 -12.40
N TYR A 151 -12.44 5.72 -11.66
CA TYR A 151 -11.93 4.50 -12.27
C TYR A 151 -12.23 3.34 -11.34
N PHE A 152 -12.55 2.19 -11.95
CA PHE A 152 -12.86 0.99 -11.17
C PHE A 152 -12.75 -0.22 -12.08
N PRO A 153 -12.20 -1.35 -11.59
CA PRO A 153 -11.71 -1.53 -10.22
C PRO A 153 -10.34 -0.92 -9.97
N GLU A 154 -9.91 -0.92 -8.71
CA GLU A 154 -8.53 -0.62 -8.43
C GLU A 154 -7.65 -1.79 -8.89
N PRO A 155 -6.37 -1.54 -9.23
CA PRO A 155 -5.55 -0.33 -9.12
C PRO A 155 -5.26 0.40 -10.43
N VAL A 156 -4.39 1.41 -10.34
CA VAL A 156 -3.83 2.10 -11.49
C VAL A 156 -2.37 2.44 -11.19
N THR A 157 -1.64 2.81 -12.23
CA THR A 157 -0.22 3.12 -12.13
C THR A 157 0.04 4.50 -12.72
N LEU A 158 0.39 5.45 -11.87
CA LEU A 158 0.71 6.80 -12.29
C LEU A 158 2.21 6.98 -12.34
N THR A 159 2.72 7.42 -13.48
CA THR A 159 4.14 7.73 -13.63
C THR A 159 4.28 9.10 -14.27
N TRP A 160 5.43 9.72 -14.05
CA TRP A 160 5.72 11.07 -14.51
C TRP A 160 6.84 11.01 -15.54
N ASN A 161 6.56 11.47 -16.76
CA ASN A 161 7.49 11.42 -17.88
C ASN A 161 7.99 10.00 -18.11
N SER A 162 7.02 9.10 -18.31
CA SER A 162 7.29 7.67 -18.52
C SER A 162 8.12 7.08 -17.38
N GLY A 163 7.98 7.67 -16.18
CA GLY A 163 8.70 7.20 -15.01
C GLY A 163 10.03 7.86 -14.75
N SER A 164 10.47 8.78 -15.60
CA SER A 164 11.79 9.38 -15.46
C SER A 164 11.89 10.35 -14.30
N LEU A 165 10.77 10.72 -13.67
CA LEU A 165 10.77 11.71 -12.59
C LEU A 165 10.76 10.98 -11.25
N SER A 166 11.85 11.12 -10.50
CA SER A 166 12.07 10.32 -9.30
C SER A 166 11.50 10.98 -8.05
N SER A 167 12.16 12.04 -7.57
CA SER A 167 11.75 12.70 -6.35
C SER A 167 10.79 13.84 -6.64
N GLY A 168 10.27 14.45 -5.58
CA GLY A 168 9.26 15.47 -5.71
C GLY A 168 7.86 14.95 -5.96
N VAL A 169 7.72 13.64 -6.17
CA VAL A 169 6.42 13.03 -6.40
C VAL A 169 5.83 12.56 -5.08
N HIS A 170 4.59 12.93 -4.81
CA HIS A 170 3.82 12.45 -3.66
C HIS A 170 2.49 11.90 -4.18
N THR A 171 2.55 10.70 -4.75
CA THR A 171 1.33 10.04 -5.20
C THR A 171 0.50 9.61 -4.01
N PHE A 172 -0.81 9.81 -4.10
CA PHE A 172 -1.67 9.61 -2.95
C PHE A 172 -2.49 8.34 -3.10
N PRO A 173 -2.91 7.74 -1.98
CA PRO A 173 -3.79 6.58 -2.06
C PRO A 173 -5.10 6.93 -2.74
N ALA A 174 -5.64 5.99 -3.49
CA ALA A 174 -6.94 6.18 -4.10
C ALA A 174 -8.01 6.32 -3.02
N VAL A 175 -9.17 6.84 -3.42
CA VAL A 175 -10.31 7.04 -2.52
C VAL A 175 -11.57 6.63 -3.27
N LEU A 176 -12.17 5.50 -2.90
CA LEU A 176 -13.44 5.09 -3.48
C LEU A 176 -14.58 5.91 -2.91
N GLN A 177 -15.33 6.57 -3.78
CA GLN A 177 -16.65 7.07 -3.45
C GLN A 177 -17.57 6.77 -4.63
N SER A 178 -18.62 5.99 -4.37
CA SER A 178 -19.59 5.62 -5.40
C SER A 178 -18.92 4.91 -6.57
N ASP A 179 -18.21 3.84 -6.24
CA ASP A 179 -17.62 2.89 -7.19
C ASP A 179 -16.56 3.52 -8.09
N LEU A 180 -16.12 4.74 -7.82
CA LEU A 180 -15.17 5.42 -8.68
C LEU A 180 -14.04 5.96 -7.81
N TYR A 181 -12.85 5.40 -7.99
CA TYR A 181 -11.69 5.82 -7.21
C TYR A 181 -11.15 7.14 -7.73
N THR A 182 -10.84 8.05 -6.80
CA THR A 182 -10.24 9.34 -7.11
C THR A 182 -8.82 9.35 -6.56
N LEU A 183 -7.87 9.77 -7.38
CA LEU A 183 -6.46 9.63 -7.05
C LEU A 183 -5.66 10.77 -7.68
N SER A 184 -4.88 11.46 -6.86
CA SER A 184 -4.08 12.60 -7.27
C SER A 184 -2.59 12.24 -7.24
N SER A 185 -1.75 13.22 -7.55
CA SER A 185 -0.30 13.10 -7.43
C SER A 185 0.31 14.48 -7.62
N SER A 186 1.32 14.78 -6.82
CA SER A 186 2.03 16.06 -6.86
C SER A 186 3.45 15.86 -7.35
N VAL A 187 3.99 16.86 -8.04
CA VAL A 187 5.37 16.81 -8.50
C VAL A 187 5.91 18.23 -8.59
N THR A 188 7.13 18.43 -8.10
CA THR A 188 7.73 19.74 -7.96
C THR A 188 9.07 19.80 -8.67
N VAL A 189 9.31 20.91 -9.38
CA VAL A 189 10.61 21.23 -9.95
C VAL A 189 10.82 22.74 -9.84
N THR A 190 12.08 23.15 -10.02
CA THR A 190 12.39 24.58 -10.07
C THR A 190 11.60 25.23 -11.18
N SER A 191 11.29 26.53 -11.00
CA SER A 191 10.56 27.26 -12.03
C SER A 191 11.30 27.21 -13.37
N SER A 192 12.63 27.07 -13.32
CA SER A 192 13.45 26.99 -14.52
C SER A 192 13.20 25.72 -15.33
N THR A 193 12.40 24.79 -14.83
CA THR A 193 12.22 23.48 -15.45
C THR A 193 10.95 23.38 -16.29
N TRP A 194 9.80 23.82 -15.76
CA TRP A 194 8.55 23.76 -16.50
C TRP A 194 8.04 25.16 -16.81
N PRO A 195 7.47 25.39 -18.00
CA PRO A 195 7.31 24.44 -19.10
C PRO A 195 8.52 24.37 -20.04
N SER A 196 9.72 24.62 -19.51
CA SER A 196 10.92 24.52 -20.33
C SER A 196 11.09 23.11 -20.88
N GLN A 197 10.75 22.10 -20.07
CA GLN A 197 10.87 20.70 -20.48
C GLN A 197 9.53 20.01 -20.24
N SER A 198 9.06 19.27 -21.24
CA SER A 198 7.72 18.72 -21.21
C SER A 198 7.54 17.70 -20.09
N ILE A 199 6.43 17.79 -19.38
CA ILE A 199 6.12 16.90 -18.27
C ILE A 199 4.74 16.32 -18.50
N THR A 200 4.64 14.99 -18.55
CA THR A 200 3.42 14.30 -18.90
C THR A 200 3.01 13.32 -17.80
N CYS A 201 1.73 13.35 -17.45
CA CYS A 201 1.15 12.30 -16.62
C CYS A 201 0.93 11.05 -17.44
N ASN A 202 1.51 9.94 -17.00
CA ASN A 202 1.30 8.63 -17.60
C ASN A 202 0.52 7.76 -16.63
N VAL A 203 -0.53 7.11 -17.14
CA VAL A 203 -1.43 6.34 -16.31
C VAL A 203 -1.84 5.08 -17.07
N ALA A 204 -1.86 3.96 -16.37
CA ALA A 204 -2.38 2.71 -16.90
C ALA A 204 -3.46 2.17 -15.98
N HIS A 205 -4.56 1.70 -16.56
CA HIS A 205 -5.58 0.97 -15.83
C HIS A 205 -5.68 -0.42 -16.42
N PRO A 206 -5.37 -1.47 -15.67
CA PRO A 206 -5.38 -2.82 -16.23
C PRO A 206 -6.80 -3.34 -16.43
N ALA A 207 -6.90 -4.40 -17.23
CA ALA A 207 -8.13 -5.17 -17.40
C ALA A 207 -9.26 -4.36 -18.02
N SER A 208 -9.20 -3.03 -17.91
CA SER A 208 -9.82 -2.18 -18.90
C SER A 208 -8.93 -2.05 -20.14
N SER A 209 -7.69 -2.53 -20.06
CA SER A 209 -6.70 -2.54 -21.13
C SER A 209 -6.45 -1.14 -21.69
N THR A 210 -6.72 -0.11 -20.90
CA THR A 210 -6.44 1.26 -21.28
C THR A 210 -5.04 1.65 -20.85
N LYS A 211 -4.47 2.63 -21.55
CA LYS A 211 -3.17 3.19 -21.20
C LYS A 211 -3.17 4.64 -21.66
N VAL A 212 -3.07 5.57 -20.72
CA VAL A 212 -3.31 6.98 -21.00
C VAL A 212 -2.07 7.79 -20.63
N ASP A 213 -1.80 8.82 -21.44
CA ASP A 213 -0.80 9.82 -21.14
C ASP A 213 -1.40 11.20 -21.40
N LYS A 214 -1.50 12.02 -20.35
CA LYS A 214 -2.05 13.37 -20.46
C LYS A 214 -0.92 14.36 -20.22
N LYS A 215 -0.55 15.09 -21.27
CA LYS A 215 0.58 16.01 -21.22
C LYS A 215 0.19 17.27 -20.47
N ILE A 216 1.00 17.64 -19.47
CA ILE A 216 0.75 18.85 -18.69
C ILE A 216 1.11 20.05 -19.55
N GLU A 217 0.09 20.84 -19.88
CA GLU A 217 0.26 22.08 -20.62
C GLU A 217 -0.29 23.24 -19.81
N PRO A 218 0.27 24.44 -19.95
CA PRO A 218 -0.35 25.60 -19.32
C PRO A 218 -1.74 25.84 -19.89
N ARG A 219 -2.71 26.01 -19.00
CA ARG A 219 -3.96 26.64 -19.36
C ARG A 219 -3.66 27.94 -20.11
N GLY A 220 -4.47 28.24 -21.13
CA GLY A 220 -4.18 29.38 -21.99
C GLY A 220 -5.34 30.32 -22.22
N PRO A 221 -5.05 31.62 -22.32
CA PRO A 221 -6.07 32.62 -22.07
C PRO A 221 -6.99 32.74 -23.27
N THR A 222 -8.15 32.07 -23.21
CA THR A 222 -9.09 32.01 -24.32
C THR A 222 -10.49 31.91 -23.74
N ILE A 223 -11.31 32.94 -23.96
CA ILE A 223 -12.69 32.91 -23.48
C ILE A 223 -13.66 32.99 -24.65
N LYS A 224 -13.64 34.11 -25.38
CA LYS A 224 -14.46 34.38 -26.56
C LYS A 224 -14.18 35.78 -27.09
N ASP B 1 -5.52 -23.15 15.09
CA ASP B 1 -6.18 -21.85 15.21
C ASP B 1 -5.54 -21.04 16.33
N ILE B 2 -4.21 -21.01 16.34
CA ILE B 2 -3.48 -20.29 17.37
C ILE B 2 -3.59 -18.80 17.11
N VAL B 3 -3.86 -18.02 18.16
CA VAL B 3 -4.17 -16.59 18.03
C VAL B 3 -2.96 -15.77 18.46
N MET B 4 -2.45 -14.96 17.53
CA MET B 4 -1.32 -14.08 17.79
C MET B 4 -1.80 -12.71 18.22
N SER B 5 -1.06 -12.07 19.12
CA SER B 5 -1.43 -10.76 19.65
C SER B 5 -0.18 -9.90 19.76
N GLN B 6 -0.20 -8.76 19.08
CA GLN B 6 0.91 -7.81 19.08
C GLN B 6 0.46 -6.51 19.75
N SER B 7 1.31 -5.98 20.63
CA SER B 7 0.97 -4.82 21.43
C SER B 7 2.20 -3.97 21.66
N PRO B 8 2.06 -2.63 21.72
CA PRO B 8 0.77 -1.93 21.58
C PRO B 8 0.34 -1.75 20.13
N SER B 9 -0.73 -0.98 19.93
CA SER B 9 -1.28 -0.78 18.59
C SER B 9 -0.43 0.22 17.80
N SER B 10 -0.26 1.43 18.33
CA SER B 10 0.55 2.47 17.73
C SER B 10 1.85 2.61 18.52
N LEU B 11 2.66 3.60 18.15
CA LEU B 11 3.95 3.83 18.78
C LEU B 11 4.49 5.18 18.31
N ALA B 12 5.63 5.57 18.88
CA ALA B 12 6.33 6.79 18.48
C ALA B 12 7.77 6.68 18.96
N VAL B 13 8.73 6.72 18.03
CA VAL B 13 10.14 6.56 18.34
C VAL B 13 10.92 7.64 17.59
N SER B 14 12.22 7.71 17.86
CA SER B 14 13.12 8.62 17.17
C SER B 14 14.44 7.91 16.91
N VAL B 15 15.11 8.32 15.82
CA VAL B 15 16.28 7.60 15.33
C VAL B 15 17.33 7.47 16.42
N GLY B 16 17.74 6.23 16.69
CA GLY B 16 18.78 5.91 17.66
C GLY B 16 18.28 5.16 18.87
N GLU B 17 16.99 5.28 19.19
CA GLU B 17 16.44 4.67 20.39
C GLU B 17 16.39 3.15 20.26
N LYS B 18 15.83 2.52 21.28
CA LYS B 18 15.56 1.09 21.27
C LYS B 18 14.07 0.85 21.08
N VAL B 19 13.73 -0.30 20.50
CA VAL B 19 12.35 -0.67 20.22
C VAL B 19 12.12 -2.10 20.69
N THR B 20 11.03 -2.31 21.42
CA THR B 20 10.65 -3.63 21.93
C THR B 20 9.30 -4.01 21.34
N MET B 21 9.26 -5.13 20.64
CA MET B 21 8.02 -5.68 20.11
C MET B 21 7.56 -6.85 20.95
N SER B 22 6.24 -7.01 21.06
CA SER B 22 5.64 -8.01 21.92
C SER B 22 4.66 -8.86 21.12
N CYS B 23 4.96 -10.15 20.99
CA CYS B 23 4.06 -11.09 20.33
C CYS B 23 3.53 -12.05 21.38
N LYS B 24 2.24 -11.95 21.67
CA LYS B 24 1.60 -12.91 22.57
C LYS B 24 0.95 -14.01 21.73
N SER B 25 1.02 -15.24 22.24
CA SER B 25 0.50 -16.40 21.54
C SER B 25 -0.55 -17.09 22.39
N SER B 26 -1.50 -17.76 21.73
CA SER B 26 -2.54 -18.51 22.43
C SER B 26 -2.16 -19.96 22.69
N GLN B 27 -0.89 -20.31 22.48
CA GLN B 27 -0.42 -21.67 22.69
C GLN B 27 1.09 -21.63 22.64
N SER B 28 1.72 -22.74 23.05
CA SER B 28 3.16 -22.85 23.00
C SER B 28 3.59 -23.25 21.59
N LEU B 29 4.43 -22.42 20.99
CA LEU B 29 5.09 -22.73 19.73
C LEU B 29 6.41 -23.45 19.95
N LEU B 30 6.65 -23.92 21.16
CA LEU B 30 7.86 -24.64 21.53
C LEU B 30 7.53 -26.12 21.65
N TYR B 31 8.31 -26.95 20.98
CA TYR B 31 8.07 -28.38 20.92
C TYR B 31 9.16 -29.12 21.68
N ARG B 32 8.78 -29.88 22.70
CA ARG B 32 9.75 -30.55 23.56
C ARG B 32 10.73 -31.40 22.75
N GLY B 33 10.25 -32.00 21.65
CA GLY B 33 11.03 -33.00 20.93
C GLY B 33 12.21 -32.43 20.15
N ASN B 34 12.21 -31.13 19.87
CA ASN B 34 13.37 -30.49 19.25
C ASN B 34 13.75 -29.18 19.93
N GLN B 35 13.03 -28.80 20.99
CA GLN B 35 13.32 -27.58 21.74
C GLN B 35 13.32 -26.35 20.83
N MET B 36 12.47 -26.36 19.80
CA MET B 36 12.45 -25.31 18.81
C MET B 36 11.17 -24.48 18.92
N ASN B 37 11.32 -23.17 18.81
CA ASN B 37 10.18 -22.25 18.80
C ASN B 37 9.80 -21.96 17.36
N TYR B 38 8.56 -22.29 16.99
CA TYR B 38 8.09 -22.15 15.62
C TYR B 38 7.44 -20.78 15.46
N LEU B 39 8.28 -19.74 15.36
CA LEU B 39 7.78 -18.38 15.27
C LEU B 39 8.68 -17.53 14.38
N ALA B 40 8.08 -16.52 13.75
CA ALA B 40 8.81 -15.69 12.80
C ALA B 40 8.30 -14.26 12.84
N TRP B 41 9.21 -13.31 12.59
CA TRP B 41 8.90 -11.88 12.53
C TRP B 41 8.99 -11.37 11.09
N TYR B 42 8.26 -10.30 10.81
CA TYR B 42 8.24 -9.70 9.48
C TYR B 42 8.30 -8.18 9.55
N GLN B 43 8.83 -7.58 8.48
CA GLN B 43 8.80 -6.13 8.26
C GLN B 43 8.25 -5.89 6.87
N GLN B 44 7.18 -5.09 6.78
CA GLN B 44 6.53 -4.78 5.51
C GLN B 44 6.59 -3.28 5.28
N LYS B 45 7.58 -2.84 4.51
CA LYS B 45 7.64 -1.43 4.10
C LYS B 45 6.38 -1.09 3.29
N PRO B 46 5.74 0.04 3.55
CA PRO B 46 4.43 0.30 2.93
C PRO B 46 4.49 0.26 1.42
N GLY B 47 3.52 -0.41 0.81
CA GLY B 47 3.46 -0.56 -0.63
C GLY B 47 4.24 -1.73 -1.17
N GLN B 48 4.75 -2.61 -0.32
CA GLN B 48 5.58 -3.74 -0.74
C GLN B 48 5.16 -4.99 0.00
N SER B 49 5.68 -6.12 -0.45
CA SER B 49 5.54 -7.35 0.30
C SER B 49 6.32 -7.25 1.60
N PRO B 50 5.92 -8.02 2.62
CA PRO B 50 6.78 -8.17 3.79
C PRO B 50 8.06 -8.92 3.46
N LYS B 51 9.05 -8.72 4.32
CA LYS B 51 10.31 -9.44 4.27
C LYS B 51 10.43 -10.28 5.54
N LEU B 52 11.08 -11.43 5.42
CA LEU B 52 11.29 -12.28 6.58
C LEU B 52 12.45 -11.73 7.39
N LEU B 53 12.16 -11.21 8.57
CA LEU B 53 13.16 -10.68 9.49
C LEU B 53 13.74 -11.77 10.39
N ILE B 54 12.89 -12.33 11.24
CA ILE B 54 13.33 -13.28 12.26
C ILE B 54 12.51 -14.55 12.11
N TYR B 55 13.14 -15.69 12.40
CA TYR B 55 12.46 -16.98 12.35
C TYR B 55 13.10 -17.89 13.40
N TRP B 56 12.39 -18.99 13.72
CA TRP B 56 12.65 -19.75 14.94
C TRP B 56 12.70 -18.82 16.15
N ALA B 57 12.01 -17.68 16.05
CA ALA B 57 11.87 -16.67 17.09
C ALA B 57 13.18 -15.96 17.42
N SER B 58 14.30 -16.41 16.87
CA SER B 58 15.59 -15.84 17.22
C SER B 58 16.53 -15.67 16.04
N THR B 59 16.54 -16.63 15.12
CA THR B 59 17.54 -16.64 14.06
C THR B 59 17.30 -15.51 13.09
N ARG B 60 18.35 -14.74 12.80
CA ARG B 60 18.27 -13.68 11.80
C ARG B 60 18.30 -14.29 10.40
N GLU B 61 17.36 -13.86 9.56
CA GLU B 61 17.44 -14.23 8.15
C GLU B 61 18.63 -13.54 7.51
N SER B 62 19.26 -14.22 6.54
CA SER B 62 20.46 -13.68 5.92
C SER B 62 20.18 -12.31 5.32
N GLY B 63 21.12 -11.38 5.52
CA GLY B 63 20.93 -10.00 5.10
C GLY B 63 20.22 -9.13 6.11
N VAL B 64 19.64 -9.70 7.15
CA VAL B 64 19.04 -8.89 8.22
C VAL B 64 20.14 -8.17 8.98
N PRO B 65 19.97 -6.90 9.34
CA PRO B 65 21.02 -6.19 10.07
C PRO B 65 21.31 -6.81 11.42
N ASP B 66 22.42 -6.38 12.02
CA ASP B 66 22.76 -6.82 13.37
C ASP B 66 21.90 -6.12 14.42
N ARG B 67 21.43 -4.90 14.12
CA ARG B 67 20.55 -4.10 14.98
C ARG B 67 19.15 -4.71 15.15
N PHE B 68 18.91 -5.88 14.57
CA PHE B 68 17.71 -6.66 14.83
C PHE B 68 18.09 -7.96 15.52
N THR B 69 17.41 -8.27 16.63
CA THR B 69 17.64 -9.51 17.35
C THR B 69 16.30 -10.08 17.78
N GLY B 70 16.18 -11.40 17.72
CA GLY B 70 14.97 -12.10 18.13
C GLY B 70 15.24 -12.91 19.39
N SER B 71 14.30 -12.82 20.33
CA SER B 71 14.44 -13.48 21.62
C SER B 71 13.08 -14.08 21.98
N GLY B 72 12.91 -14.43 23.26
CA GLY B 72 11.68 -15.02 23.72
C GLY B 72 11.55 -16.48 23.33
N SER B 73 10.47 -17.09 23.84
CA SER B 73 10.23 -18.51 23.62
C SER B 73 8.81 -18.85 24.07
N GLY B 74 8.31 -19.97 23.54
CA GLY B 74 7.09 -20.60 24.03
C GLY B 74 5.80 -19.90 23.68
N THR B 75 5.45 -18.87 24.46
CA THR B 75 4.20 -18.14 24.29
C THR B 75 4.37 -16.63 24.24
N GLU B 76 5.51 -16.09 24.67
CA GLU B 76 5.70 -14.64 24.76
C GLU B 76 7.07 -14.31 24.19
N PHE B 77 7.07 -13.76 22.98
CA PHE B 77 8.28 -13.51 22.19
C PHE B 77 8.54 -12.01 22.11
N THR B 78 9.73 -11.66 21.63
CA THR B 78 10.15 -10.26 21.65
C THR B 78 11.12 -9.98 20.51
N LEU B 79 10.90 -8.86 19.82
CA LEU B 79 11.77 -8.40 18.75
C LEU B 79 12.61 -7.22 19.25
N THR B 80 13.92 -7.28 19.01
CA THR B 80 14.85 -6.31 19.55
C THR B 80 15.38 -5.42 18.43
N ILE B 81 15.25 -4.11 18.61
CA ILE B 81 15.82 -3.11 17.70
C ILE B 81 16.83 -2.30 18.50
N SER B 82 18.12 -2.49 18.20
CA SER B 82 19.16 -1.80 18.95
C SER B 82 19.14 -0.31 18.66
N SER B 83 19.40 0.08 17.42
CA SER B 83 19.33 1.46 16.96
C SER B 83 18.27 1.55 15.87
N VAL B 84 17.19 2.26 16.16
CA VAL B 84 16.14 2.47 15.16
C VAL B 84 16.61 3.52 14.16
N LYS B 85 16.61 3.16 12.89
CA LYS B 85 16.90 4.09 11.81
C LYS B 85 15.57 4.55 11.21
N ALA B 86 15.64 5.31 10.12
CA ALA B 86 14.45 5.66 9.36
C ALA B 86 14.17 4.70 8.22
N GLU B 87 15.14 3.85 7.86
CA GLU B 87 14.88 2.74 6.95
C GLU B 87 14.06 1.63 7.59
N ASP B 88 13.67 1.83 8.85
CA ASP B 88 12.83 0.90 9.59
C ASP B 88 11.46 1.49 9.91
N LEU B 89 11.02 2.50 9.14
CA LEU B 89 9.69 3.08 9.30
C LEU B 89 8.71 2.27 8.48
N THR B 90 7.85 1.51 9.17
CA THR B 90 7.02 0.50 8.53
C THR B 90 6.02 -0.05 9.53
N VAL B 91 5.59 -1.29 9.32
CA VAL B 91 4.89 -2.07 10.33
C VAL B 91 5.67 -3.35 10.54
N TYR B 92 5.31 -4.05 11.62
CA TYR B 92 5.97 -5.29 11.98
C TYR B 92 4.92 -6.32 12.39
N TYR B 93 5.18 -7.58 12.05
CA TYR B 93 4.25 -8.66 12.28
C TYR B 93 5.00 -9.87 12.82
N CYS B 94 4.30 -10.68 13.61
CA CYS B 94 4.81 -11.98 14.05
C CYS B 94 3.88 -13.07 13.54
N GLN B 95 4.45 -14.22 13.24
CA GLN B 95 3.65 -15.36 12.81
C GLN B 95 4.15 -16.63 13.48
N GLN B 96 3.28 -17.63 13.50
CA GLN B 96 3.62 -18.96 13.97
C GLN B 96 3.48 -19.94 12.83
N TYR B 97 4.30 -21.00 12.86
CA TYR B 97 4.14 -22.10 11.92
C TYR B 97 4.19 -23.45 12.62
N TYR B 98 3.85 -23.49 13.92
CA TYR B 98 3.55 -24.72 14.65
C TYR B 98 2.56 -25.55 13.84
N THR B 99 1.29 -25.20 13.92
CA THR B 99 0.22 -25.92 13.24
C THR B 99 -0.53 -24.98 12.31
N TYR B 100 -1.47 -25.57 11.56
CA TYR B 100 -2.38 -24.82 10.72
C TYR B 100 -3.62 -24.39 11.51
N PRO B 101 -4.23 -23.26 11.14
CA PRO B 101 -3.76 -22.37 10.08
C PRO B 101 -2.60 -21.49 10.53
N ARG B 102 -1.69 -21.18 9.61
CA ARG B 102 -0.66 -20.20 9.87
C ARG B 102 -1.33 -18.89 10.29
N THR B 103 -0.77 -18.23 11.31
CA THR B 103 -1.44 -17.09 11.91
C THR B 103 -0.49 -15.90 12.05
N PHE B 104 -1.03 -14.72 11.83
CA PHE B 104 -0.34 -13.45 12.02
C PHE B 104 -1.00 -12.67 13.14
N GLY B 105 -0.26 -11.71 13.69
CA GLY B 105 -0.78 -10.84 14.71
C GLY B 105 -1.43 -9.60 14.12
N GLY B 106 -1.90 -8.73 15.02
CA GLY B 106 -2.49 -7.47 14.60
C GLY B 106 -1.52 -6.42 14.13
N GLY B 107 -0.21 -6.70 14.15
CA GLY B 107 0.77 -5.74 13.69
C GLY B 107 1.00 -4.59 14.63
N THR B 108 2.05 -3.80 14.38
CA THR B 108 2.35 -2.64 15.20
C THR B 108 2.94 -1.56 14.30
N LYS B 109 2.29 -0.41 14.24
CA LYS B 109 2.76 0.71 13.44
C LYS B 109 3.61 1.62 14.30
N LEU B 110 4.89 1.76 13.94
CA LEU B 110 5.77 2.72 14.58
C LEU B 110 5.75 4.00 13.73
N GLU B 111 5.16 5.05 14.28
CA GLU B 111 5.15 6.36 13.62
C GLU B 111 6.32 7.16 14.17
N ILE B 112 7.35 7.39 13.34
CA ILE B 112 8.51 8.10 13.84
C ILE B 112 8.08 9.52 14.19
N LYS B 113 8.80 10.12 15.13
CA LYS B 113 8.53 11.49 15.58
C LYS B 113 9.89 12.19 15.67
N ARG B 114 10.25 12.92 14.62
CA ARG B 114 11.57 13.53 14.52
C ARG B 114 11.55 15.01 14.85
N ALA B 115 10.92 15.84 14.01
CA ALA B 115 10.91 17.27 14.24
C ALA B 115 9.71 17.88 13.53
N ASP B 116 9.14 18.91 14.15
CA ASP B 116 8.06 19.66 13.51
C ASP B 116 8.58 20.34 12.26
N ALA B 117 7.94 20.07 11.13
CA ALA B 117 8.35 20.62 9.84
C ALA B 117 7.32 21.64 9.35
N ALA B 118 7.60 22.23 8.19
CA ALA B 118 6.77 23.30 7.64
C ALA B 118 6.04 22.82 6.39
N PRO B 119 4.71 22.78 6.40
CA PRO B 119 3.96 22.17 5.30
C PRO B 119 3.89 23.08 4.08
N THR B 120 4.51 22.64 2.99
CA THR B 120 4.45 23.36 1.72
C THR B 120 3.11 23.12 1.05
N VAL B 121 2.43 24.20 0.65
CA VAL B 121 1.12 24.12 0.03
C VAL B 121 1.25 24.47 -1.45
N SER B 122 0.24 24.06 -2.23
CA SER B 122 0.17 24.41 -3.65
C SER B 122 -1.27 24.18 -4.11
N ILE B 123 -1.94 25.24 -4.54
CA ILE B 123 -3.37 25.22 -4.86
C ILE B 123 -3.55 25.22 -6.37
N PHE B 124 -4.50 24.42 -6.85
CA PHE B 124 -4.62 24.13 -8.28
C PHE B 124 -6.08 24.23 -8.74
N PRO B 125 -6.41 25.13 -9.64
CA PRO B 125 -7.79 25.23 -10.15
C PRO B 125 -8.15 24.01 -10.97
N PRO B 126 -9.43 23.82 -11.29
CA PRO B 126 -9.80 22.73 -12.21
C PRO B 126 -9.21 22.96 -13.59
N SER B 127 -8.98 21.87 -14.30
CA SER B 127 -8.33 21.93 -15.60
C SER B 127 -9.31 22.39 -16.67
N SER B 128 -8.76 23.01 -17.72
CA SER B 128 -9.56 23.46 -18.86
C SER B 128 -10.23 22.30 -19.57
N GLU B 129 -9.98 21.07 -19.09
CA GLU B 129 -10.53 19.85 -19.66
C GLU B 129 -11.58 19.20 -18.78
N GLN B 130 -11.41 19.22 -17.45
CA GLN B 130 -12.41 18.64 -16.56
C GLN B 130 -13.74 19.36 -16.68
N LEU B 131 -13.70 20.70 -16.70
CA LEU B 131 -14.91 21.50 -16.89
C LEU B 131 -15.62 21.11 -18.18
N THR B 132 -14.86 20.68 -19.19
CA THR B 132 -15.43 20.39 -20.51
C THR B 132 -16.20 19.07 -20.54
N SER B 133 -16.02 18.21 -19.53
CA SER B 133 -16.77 16.96 -19.45
C SER B 133 -17.96 17.05 -18.50
N GLY B 134 -17.88 17.91 -17.50
CA GLY B 134 -18.90 17.97 -16.46
C GLY B 134 -18.30 17.75 -15.08
N GLY B 135 -18.10 18.83 -14.34
CA GLY B 135 -17.46 18.77 -13.04
C GLY B 135 -16.20 19.62 -12.97
N ALA B 136 -15.72 19.78 -11.75
CA ALA B 136 -14.53 20.58 -11.47
C ALA B 136 -14.11 20.33 -10.02
N SER B 137 -12.81 20.35 -9.76
CA SER B 137 -12.29 20.03 -8.43
C SER B 137 -10.96 20.74 -8.23
N VAL B 138 -10.95 21.75 -7.36
CA VAL B 138 -9.70 22.36 -6.92
C VAL B 138 -8.91 21.37 -6.07
N VAL B 139 -7.59 21.56 -6.03
CA VAL B 139 -6.70 20.70 -5.27
C VAL B 139 -5.63 21.57 -4.62
N CYS B 140 -5.40 21.35 -3.34
CA CYS B 140 -4.24 21.91 -2.67
C CYS B 140 -3.44 20.78 -2.02
N PHE B 141 -2.12 20.98 -1.95
CA PHE B 141 -1.14 19.92 -1.70
C PHE B 141 -0.23 20.28 -0.53
N LEU B 142 -0.39 19.59 0.59
CA LEU B 142 0.55 19.70 1.70
C LEU B 142 1.68 18.70 1.51
N ASN B 143 2.92 19.17 1.62
CA ASN B 143 4.08 18.34 1.32
C ASN B 143 5.20 18.58 2.32
N ASN B 144 5.85 17.48 2.74
CA ASN B 144 7.09 17.52 3.51
C ASN B 144 6.91 18.19 4.87
N PHE B 145 6.13 17.56 5.75
CA PHE B 145 5.84 18.14 7.07
C PHE B 145 5.70 17.04 8.12
N TYR B 146 5.86 17.46 9.38
CA TYR B 146 5.53 16.70 10.58
C TYR B 146 4.98 17.73 11.56
N PRO B 147 3.95 17.38 12.35
CA PRO B 147 3.31 16.07 12.51
C PRO B 147 2.14 15.80 11.56
N LYS B 148 1.74 14.52 11.51
CA LYS B 148 0.51 14.12 10.83
C LYS B 148 -0.73 14.78 11.43
N ASP B 149 -0.58 15.52 12.53
CA ASP B 149 -1.72 16.13 13.22
C ASP B 149 -1.87 17.58 12.75
N ILE B 150 -2.55 17.73 11.61
CA ILE B 150 -2.90 19.03 11.06
C ILE B 150 -4.10 18.90 10.13
N ASN B 151 -5.24 19.45 10.54
CA ASN B 151 -6.38 19.54 9.65
C ASN B 151 -6.37 20.88 8.92
N VAL B 152 -7.22 21.00 7.91
CA VAL B 152 -7.08 22.06 6.91
C VAL B 152 -8.47 22.48 6.44
N LYS B 153 -8.62 23.78 6.14
CA LYS B 153 -9.83 24.30 5.51
C LYS B 153 -9.51 25.40 4.50
N GLU B 160 -17.39 29.76 2.86
CA GLU B 160 -16.79 28.55 3.43
C GLU B 160 -17.81 27.42 3.54
N ARG B 161 -18.35 26.98 2.41
CA ARG B 161 -19.32 25.91 2.35
C ARG B 161 -18.60 24.61 2.01
N GLN B 162 -18.75 23.60 2.88
CA GLN B 162 -17.99 22.37 2.73
C GLN B 162 -18.92 21.17 2.52
N ASN B 163 -19.75 21.24 1.49
CA ASN B 163 -20.74 20.19 1.23
C ASN B 163 -20.17 19.18 0.24
N GLY B 164 -19.17 18.42 0.72
CA GLY B 164 -18.64 17.31 -0.04
C GLY B 164 -17.25 17.47 -0.61
N VAL B 165 -16.26 16.96 0.11
CA VAL B 165 -14.86 16.97 -0.30
C VAL B 165 -14.32 15.54 -0.19
N LEU B 166 -13.04 15.35 -0.56
CA LEU B 166 -12.33 14.11 -0.30
C LEU B 166 -10.90 14.46 0.09
N ASN B 167 -10.23 13.49 0.72
CA ASN B 167 -8.89 13.72 1.23
C ASN B 167 -8.07 12.43 1.11
N SER B 168 -6.75 12.58 1.23
CA SER B 168 -5.84 11.45 1.15
C SER B 168 -4.48 11.76 1.76
N TRP B 169 -4.03 10.94 2.70
CA TRP B 169 -2.73 11.11 3.35
C TRP B 169 -1.75 10.07 2.83
N THR B 170 -0.48 10.46 2.76
CA THR B 170 0.57 9.48 2.56
C THR B 170 0.95 8.87 3.91
N ASP B 171 1.32 7.60 3.89
CA ASP B 171 2.07 7.07 5.01
C ASP B 171 3.44 7.75 5.05
N GLN B 172 4.07 7.69 6.22
CA GLN B 172 5.27 8.48 6.45
C GLN B 172 6.37 8.14 5.44
N ASP B 173 7.01 9.18 4.92
CA ASP B 173 8.15 8.99 4.04
C ASP B 173 9.28 8.29 4.78
N SER B 174 9.80 7.21 4.20
CA SER B 174 10.91 6.49 4.80
C SER B 174 12.21 7.28 4.74
N LYS B 175 12.24 8.40 4.04
CA LYS B 175 13.44 9.21 3.86
C LYS B 175 13.51 10.36 4.85
N ASP B 176 12.56 11.29 4.79
CA ASP B 176 12.61 12.50 5.60
C ASP B 176 11.56 12.52 6.71
N SER B 177 10.92 11.38 6.98
CA SER B 177 10.01 11.23 8.12
C SER B 177 8.82 12.17 8.05
N THR B 178 8.34 12.47 6.83
CA THR B 178 7.27 13.44 6.66
C THR B 178 5.94 12.77 6.33
N TYR B 179 4.91 13.59 6.19
CA TYR B 179 3.62 13.21 5.65
C TYR B 179 3.32 14.12 4.46
N SER B 180 2.14 13.95 3.88
CA SER B 180 1.70 14.73 2.74
C SER B 180 0.21 14.49 2.54
N MET B 181 -0.49 15.50 2.02
CA MET B 181 -1.94 15.51 1.97
C MET B 181 -2.44 15.92 0.60
N SER B 182 -3.51 15.27 0.16
CA SER B 182 -4.24 15.62 -1.04
C SER B 182 -5.48 16.44 -0.67
N SER B 183 -6.28 16.79 -1.68
CA SER B 183 -7.47 17.61 -1.47
C SER B 183 -8.38 17.60 -2.69
N THR B 184 -9.48 16.86 -2.63
CA THR B 184 -10.41 16.74 -3.76
C THR B 184 -11.61 17.61 -3.49
N LEU B 185 -11.43 18.93 -3.68
CA LEU B 185 -12.49 19.92 -3.48
C LEU B 185 -13.45 19.87 -4.67
N THR B 186 -14.21 18.77 -4.73
CA THR B 186 -15.11 18.54 -5.86
C THR B 186 -16.30 19.50 -5.81
N LEU B 187 -16.86 19.76 -6.99
CA LEU B 187 -17.94 20.73 -7.14
C LEU B 187 -18.71 20.44 -8.42
N THR B 188 -19.82 21.15 -8.59
CA THR B 188 -20.47 21.22 -9.88
C THR B 188 -19.76 22.25 -10.75
N LYS B 189 -19.83 22.07 -12.06
CA LYS B 189 -19.13 22.97 -12.98
C LYS B 189 -19.69 24.37 -12.89
N ASP B 190 -21.00 24.52 -13.10
CA ASP B 190 -21.60 25.85 -13.11
C ASP B 190 -21.64 26.48 -11.72
N GLU B 191 -21.82 25.67 -10.67
CA GLU B 191 -21.76 26.19 -9.31
C GLU B 191 -20.38 26.75 -8.97
N TYR B 192 -19.34 26.32 -9.70
CA TYR B 192 -18.00 26.86 -9.53
C TYR B 192 -17.90 28.32 -9.99
N GLU B 193 -18.82 28.77 -10.85
CA GLU B 193 -18.87 30.16 -11.28
C GLU B 193 -19.71 31.03 -10.36
N ARG B 194 -20.63 30.44 -9.60
CA ARG B 194 -21.45 31.19 -8.65
C ARG B 194 -20.63 31.87 -7.57
N HIS B 195 -19.36 31.52 -7.42
CA HIS B 195 -18.44 32.19 -6.52
C HIS B 195 -17.16 32.52 -7.27
N ASN B 196 -16.34 33.39 -6.67
CA ASN B 196 -15.12 33.88 -7.30
C ASN B 196 -13.86 33.61 -6.49
N SER B 197 -13.91 33.78 -5.17
CA SER B 197 -12.71 33.77 -4.33
C SER B 197 -12.55 32.40 -3.68
N TYR B 198 -11.42 31.74 -3.97
CA TYR B 198 -11.22 30.32 -3.64
C TYR B 198 -9.93 30.16 -2.86
N THR B 199 -10.00 29.54 -1.69
CA THR B 199 -8.88 29.48 -0.77
C THR B 199 -8.85 28.18 0.02
N CYS B 200 -7.66 27.59 0.16
CA CYS B 200 -7.37 26.60 1.19
C CYS B 200 -6.55 27.26 2.29
N GLU B 201 -6.56 26.63 3.46
CA GLU B 201 -5.76 27.11 4.59
C GLU B 201 -5.42 25.97 5.54
N ALA B 202 -4.20 25.99 6.07
CA ALA B 202 -3.68 24.96 6.96
C ALA B 202 -3.55 25.50 8.38
N THR B 203 -3.43 24.58 9.34
CA THR B 203 -3.28 24.93 10.77
C THR B 203 -2.42 23.85 11.43
N HIS B 204 -1.13 24.10 11.52
CA HIS B 204 -0.16 23.10 11.97
C HIS B 204 -0.01 23.16 13.49
N LYS B 205 0.97 22.42 14.02
CA LYS B 205 1.34 22.53 15.42
C LYS B 205 2.27 23.71 15.66
N THR B 206 3.12 24.03 14.68
CA THR B 206 3.95 25.23 14.72
C THR B 206 3.31 26.42 14.03
N SER B 207 2.09 26.27 13.51
CA SER B 207 1.41 27.32 12.76
C SER B 207 0.21 27.81 13.59
N THR B 208 0.50 28.71 14.53
CA THR B 208 -0.56 29.44 15.20
C THR B 208 -1.26 30.38 14.22
N SER B 209 -0.47 31.26 13.59
CA SER B 209 -0.94 32.02 12.44
C SER B 209 -0.90 31.11 11.22
N PRO B 210 -2.05 30.76 10.66
CA PRO B 210 -2.11 29.74 9.61
C PRO B 210 -1.34 30.11 8.36
N ILE B 211 -1.17 29.13 7.49
CA ILE B 211 -0.54 29.28 6.18
C ILE B 211 -1.61 29.14 5.12
N VAL B 212 -1.69 30.09 4.20
CA VAL B 212 -2.76 30.14 3.21
C VAL B 212 -2.17 30.18 1.80
N LYS B 213 -2.94 29.66 0.86
CA LYS B 213 -2.72 29.82 -0.58
C LYS B 213 -4.08 30.06 -1.22
N SER B 214 -4.17 31.08 -2.08
CA SER B 214 -5.47 31.49 -2.58
C SER B 214 -5.35 31.96 -4.03
N PHE B 215 -6.51 32.16 -4.65
CA PHE B 215 -6.61 32.80 -5.96
C PHE B 215 -8.05 33.23 -6.16
N ASN B 216 -8.31 33.94 -7.26
CA ASN B 216 -9.65 34.23 -7.71
C ASN B 216 -9.94 33.47 -9.00
N ARG B 217 -11.19 33.08 -9.17
CA ARG B 217 -11.69 32.46 -10.39
C ARG B 217 -11.15 33.18 -11.61
N GLY B 218 -10.31 32.50 -12.40
CA GLY B 218 -9.63 33.13 -13.53
C GLY B 218 -10.56 33.68 -14.57
N GLU B 219 -11.84 33.33 -14.47
CA GLU B 219 -12.89 33.83 -15.34
C GLU B 219 -13.53 35.10 -14.78
N CYS B 220 -12.95 35.69 -13.74
CA CYS B 220 -13.36 37.01 -13.25
C CYS B 220 -12.45 37.47 -12.11
N PRO C 1 2.87 -29.43 11.93
CA PRO C 1 1.45 -29.20 12.22
C PRO C 1 0.79 -30.35 12.96
N ILE C 2 1.05 -30.45 14.25
CA ILE C 2 0.41 -31.44 15.09
C ILE C 2 -0.91 -30.96 15.60
N TYR C 3 -1.78 -30.51 14.70
CA TYR C 3 -2.85 -29.61 15.10
C TYR C 3 -3.18 -29.59 16.58
N ASP C 4 -2.44 -28.78 17.36
CA ASP C 4 -2.81 -28.44 18.73
C ASP C 4 -3.08 -29.65 19.60
N ILE C 5 -2.14 -30.03 20.47
CA ILE C 5 -2.42 -31.16 21.35
C ILE C 5 -3.81 -30.92 21.95
N ASN C 6 -3.93 -29.91 22.79
CA ASN C 6 -5.25 -29.40 23.16
C ASN C 6 -5.09 -27.99 23.72
#